data_7X63
#
_entry.id   7X63
#
_cell.length_a   196.680
_cell.length_b   84.720
_cell.length_c   57.780
_cell.angle_alpha   90.000
_cell.angle_beta   99.650
_cell.angle_gamma   90.000
#
_symmetry.space_group_name_H-M   'C 1 2 1'
#
loop_
_entity.id
_entity.type
_entity.pdbx_description
1 polymer 'BD-236 Fab heavy chain'
2 polymer 'BD-236 Fab light chain'
3 polymer 'Spike protein S1'
4 water water
#
loop_
_entity_poly.entity_id
_entity_poly.type
_entity_poly.pdbx_seq_one_letter_code
_entity_poly.pdbx_strand_id
1 'polypeptide(L)'
;EVQLVESGGGLIQPGGSLRLSCAASGITVGWNYMSWVRQAPGKGLEWVSVIYPGGSTDYADSVKGRFTISRDKSKNTLYL
QMNSLRAEDTAVYYCARDLGEAGGMDVWGQGTTVTVSSASTKGPSVFPLAPSSKSTSGGTAALGCLVKDYFPEPVTVSWN
SGALTSGVHTFPAVLQSSGLYSLSSVVTVPSSSLGTQTYICNVNHKPSNTKVDKKVEPKSCDK
;
H
2 'polypeptide(L)'
;AIQLTQSPSSLSASVGDRVTITCRASQGIPSSYLAWYQQKPGKAPKLLIYAASTLQSGVPSRFSGSGSGTDFTLTISSLQ
PEDFATYYCQQLNSYPPAFGGGTKVEIKRTVAAPSVFIFPPSDEQLKSGTASVVCLLNNFYPREAKVQWKVDNALQSGNS
QESVTEQDSKDSTYSLSSTLTLSKADYEKHKVYACEVTHQGLSSPVTKSFNRGEC
;
L
3 'polypeptide(L)'
;RVQPTESIVRFPNITNLCPFGEVFNATRFASVYAWNRKRISNCVADYSVLYNSASFSTFKCYGVSPTKLNDLCFTNVYAD
SFVIRGDEVRQIAPGQTGNIADYNYKLPDDFTGCVIAWNSNNLDSKVGGNYNYLYRLFRKSNLKPFERDISTEIYQAGST
PCNGVKGFNCYFPLQSYGFQPTYGVGYQPYRVVVLSFELLHAPATVCGPKKSTNLVKNKHHHHHHHH
;
R
#
# COMPACT_ATOMS: atom_id res chain seq x y z
N GLU A 1 -0.90 13.45 23.13
CA GLU A 1 -0.90 13.45 21.67
C GLU A 1 -1.64 12.23 21.13
N VAL A 2 -2.36 12.41 20.01
CA VAL A 2 -3.02 11.28 19.36
C VAL A 2 -1.95 10.34 18.81
N GLN A 3 -2.07 9.04 19.13
CA GLN A 3 -1.07 8.11 18.64
C GLN A 3 -1.62 6.69 18.57
N LEU A 4 -0.94 5.88 17.75
CA LEU A 4 -1.12 4.44 17.65
C LEU A 4 0.25 3.80 17.85
N VAL A 5 0.33 2.82 18.74
CA VAL A 5 1.60 2.16 19.07
C VAL A 5 1.47 0.68 18.78
N GLU A 6 2.21 0.20 17.78
CA GLU A 6 2.23 -1.22 17.44
C GLU A 6 3.27 -1.95 18.29
N SER A 7 3.03 -3.24 18.48
CA SER A 7 4.00 -4.12 19.09
C SER A 7 3.68 -5.55 18.66
N GLY A 8 4.61 -6.46 18.93
CA GLY A 8 4.42 -7.87 18.66
C GLY A 8 5.27 -8.43 17.53
N GLY A 9 5.86 -7.59 16.69
CA GLY A 9 6.68 -8.10 15.61
C GLY A 9 7.93 -8.78 16.11
N GLY A 10 8.49 -9.63 15.27
CA GLY A 10 9.72 -10.31 15.63
C GLY A 10 10.04 -11.40 14.62
N LEU A 11 11.06 -12.19 14.95
CA LEU A 11 11.43 -13.33 14.12
C LEU A 11 10.46 -14.49 14.30
N ILE A 12 10.11 -15.15 13.20
CA ILE A 12 9.19 -16.28 13.26
C ILE A 12 9.48 -17.20 12.07
N GLN A 13 9.35 -18.50 12.30
CA GLN A 13 9.59 -19.48 11.25
C GLN A 13 8.43 -19.51 10.26
N PRO A 14 8.70 -19.87 9.01
CA PRO A 14 7.60 -20.12 8.07
C PRO A 14 6.64 -21.18 8.60
N GLY A 15 5.34 -20.91 8.47
CA GLY A 15 4.32 -21.74 9.05
C GLY A 15 3.91 -21.33 10.45
N GLY A 16 4.67 -20.48 11.11
CA GLY A 16 4.37 -20.13 12.48
C GLY A 16 3.36 -19.00 12.59
N SER A 17 3.10 -18.59 13.83
CA SER A 17 2.06 -17.62 14.13
C SER A 17 2.64 -16.48 14.95
N LEU A 18 1.95 -15.34 14.89
CA LEU A 18 2.39 -14.12 15.54
C LEU A 18 1.19 -13.21 15.69
N ARG A 19 1.05 -12.56 16.84
CA ARG A 19 -0.03 -11.60 17.02
C ARG A 19 0.54 -10.21 17.22
N LEU A 20 0.08 -9.26 16.40
CA LEU A 20 0.44 -7.86 16.54
C LEU A 20 -0.65 -7.12 17.29
N SER A 21 -0.24 -6.14 18.09
CA SER A 21 -1.11 -5.26 18.83
C SER A 21 -0.89 -3.82 18.38
N CYS A 22 -1.94 -3.02 18.50
CA CYS A 22 -1.89 -1.59 18.20
C CYS A 22 -2.73 -0.91 19.27
N ALA A 23 -2.04 -0.32 20.26
CA ALA A 23 -2.68 0.40 21.34
C ALA A 23 -2.91 1.85 20.91
N ALA A 24 -4.16 2.30 21.02
CA ALA A 24 -4.57 3.60 20.51
C ALA A 24 -4.83 4.58 21.64
N SER A 25 -4.54 5.84 21.38
CA SER A 25 -4.91 6.90 22.31
C SER A 25 -5.27 8.14 21.49
N GLY A 26 -6.39 8.77 21.83
CA GLY A 26 -6.86 9.93 21.12
C GLY A 26 -7.82 9.63 19.99
N ILE A 27 -7.95 8.37 19.61
CA ILE A 27 -9.05 7.89 18.78
C ILE A 27 -9.58 6.63 19.43
N THR A 28 -10.86 6.34 19.20
CA THR A 28 -11.51 5.18 19.77
C THR A 28 -11.58 4.09 18.69
N VAL A 29 -10.80 3.03 18.87
CA VAL A 29 -10.68 1.98 17.87
C VAL A 29 -12.04 1.41 17.49
N GLY A 30 -12.90 1.16 18.48
CA GLY A 30 -14.20 0.57 18.21
C GLY A 30 -15.14 1.44 17.41
N TRP A 31 -14.85 2.73 17.29
CA TRP A 31 -15.70 3.66 16.54
C TRP A 31 -15.12 4.05 15.20
N ASN A 32 -14.05 3.39 14.74
CA ASN A 32 -13.38 3.80 13.52
C ASN A 32 -13.22 2.64 12.56
N TYR A 33 -13.07 2.97 11.27
CA TYR A 33 -12.44 2.05 10.34
C TYR A 33 -10.95 1.94 10.70
N MET A 34 -10.50 0.75 11.08
CA MET A 34 -9.13 0.54 11.50
C MET A 34 -8.45 -0.45 10.56
N SER A 35 -7.27 -0.10 10.07
CA SER A 35 -6.60 -0.89 9.04
C SER A 35 -5.19 -1.28 9.44
N TRP A 36 -4.74 -2.42 8.92
CA TRP A 36 -3.33 -2.80 8.89
C TRP A 36 -2.83 -2.70 7.46
N VAL A 37 -1.66 -2.07 7.30
CA VAL A 37 -0.96 -1.82 6.05
C VAL A 37 0.48 -2.25 6.25
N ARG A 38 1.05 -2.94 5.26
CA ARG A 38 2.42 -3.40 5.42
C ARG A 38 3.31 -2.92 4.29
N GLN A 39 4.61 -3.02 4.53
CA GLN A 39 5.62 -2.58 3.56
C GLN A 39 6.80 -3.52 3.65
N ALA A 40 6.93 -4.38 2.65
CA ALA A 40 8.06 -5.28 2.55
C ALA A 40 9.31 -4.47 2.18
N PRO A 41 10.50 -4.97 2.51
CA PRO A 41 11.74 -4.23 2.22
C PRO A 41 11.82 -3.82 0.77
N GLY A 42 12.03 -2.52 0.53
CA GLY A 42 12.20 -2.01 -0.82
C GLY A 42 10.94 -1.84 -1.64
N LYS A 43 9.76 -2.21 -1.12
CA LYS A 43 8.52 -2.14 -1.88
C LYS A 43 7.63 -1.01 -1.40
N GLY A 44 6.46 -0.91 -2.02
CA GLY A 44 5.46 0.06 -1.60
C GLY A 44 4.52 -0.48 -0.55
N LEU A 45 3.55 0.35 -0.19
CA LEU A 45 2.55 -0.03 0.81
C LEU A 45 1.56 -1.04 0.25
N GLU A 46 1.17 -1.99 1.09
CA GLU A 46 0.12 -2.94 0.75
C GLU A 46 -0.91 -2.98 1.88
N TRP A 47 -2.15 -2.67 1.54
CA TRP A 47 -3.22 -2.78 2.52
C TRP A 47 -3.47 -4.25 2.85
N VAL A 48 -3.58 -4.56 4.13
CA VAL A 48 -3.71 -5.95 4.59
C VAL A 48 -5.12 -6.24 5.08
N SER A 49 -5.68 -5.36 5.90
CA SER A 49 -6.97 -5.72 6.51
C SER A 49 -7.63 -4.50 7.11
N VAL A 50 -8.95 -4.61 7.31
CA VAL A 50 -9.75 -3.54 7.89
C VAL A 50 -10.84 -4.14 8.77
N ILE A 51 -11.19 -3.38 9.82
CA ILE A 51 -12.37 -3.67 10.66
C ILE A 51 -13.19 -2.38 10.76
N TYR A 52 -14.46 -2.47 10.38
CA TYR A 52 -15.38 -1.35 10.33
C TYR A 52 -15.82 -0.96 11.74
N PRO A 53 -16.38 0.23 11.93
CA PRO A 53 -16.95 0.55 13.26
C PRO A 53 -18.00 -0.46 13.71
N GLY A 54 -18.84 -0.95 12.79
CA GLY A 54 -19.85 -1.94 13.12
C GLY A 54 -19.36 -3.37 13.24
N GLY A 55 -18.07 -3.62 12.96
CA GLY A 55 -17.51 -4.94 13.19
C GLY A 55 -17.28 -5.77 11.94
N SER A 56 -17.72 -5.33 10.78
CA SER A 56 -17.36 -6.03 9.55
C SER A 56 -15.85 -5.94 9.30
N THR A 57 -15.33 -6.95 8.60
CA THR A 57 -13.92 -7.06 8.34
C THR A 57 -13.68 -7.35 6.86
N ASP A 58 -12.49 -6.97 6.40
CA ASP A 58 -12.07 -7.36 5.06
C ASP A 58 -10.56 -7.53 5.05
N TYR A 59 -10.07 -8.21 4.01
CA TYR A 59 -8.68 -8.68 3.95
C TYR A 59 -8.19 -8.67 2.51
N ALA A 60 -6.91 -8.36 2.34
CA ALA A 60 -6.28 -8.59 1.05
C ALA A 60 -6.29 -10.08 0.73
N ASP A 61 -6.44 -10.41 -0.56
CA ASP A 61 -6.45 -11.80 -1.00
C ASP A 61 -5.24 -12.58 -0.50
N SER A 62 -4.06 -11.97 -0.52
CA SER A 62 -2.84 -12.69 -0.20
C SER A 62 -2.75 -13.11 1.27
N VAL A 63 -3.79 -12.84 2.05
CA VAL A 63 -3.72 -12.93 3.50
C VAL A 63 -4.97 -13.66 4.00
N LYS A 64 -5.93 -13.85 3.11
CA LYS A 64 -7.21 -14.45 3.48
C LYS A 64 -7.04 -15.90 3.93
N GLY A 65 -7.76 -16.27 4.98
CA GLY A 65 -7.63 -17.57 5.58
C GLY A 65 -6.40 -17.77 6.42
N ARG A 66 -5.55 -16.76 6.54
CA ARG A 66 -4.36 -16.83 7.38
C ARG A 66 -4.32 -15.77 8.47
N PHE A 67 -4.78 -14.55 8.15
CA PHE A 67 -4.78 -13.42 9.07
C PHE A 67 -6.20 -13.16 9.57
N THR A 68 -6.30 -12.70 10.82
CA THR A 68 -7.57 -12.29 11.42
C THR A 68 -7.36 -10.96 12.10
N ILE A 69 -8.13 -9.97 11.72
CA ILE A 69 -8.13 -8.69 12.43
C ILE A 69 -9.15 -8.80 13.55
N SER A 70 -8.91 -8.07 14.65
CA SER A 70 -9.86 -8.08 15.76
C SER A 70 -9.58 -6.86 16.62
N ARG A 71 -10.35 -6.73 17.71
CA ARG A 71 -10.17 -5.56 18.56
C ARG A 71 -10.70 -5.86 19.95
N ASP A 72 -10.11 -5.18 20.94
CA ASP A 72 -10.56 -5.14 22.32
C ASP A 72 -10.96 -3.71 22.63
N LYS A 73 -12.26 -3.45 22.65
CA LYS A 73 -12.77 -2.10 22.93
C LYS A 73 -12.40 -1.66 24.35
N SER A 74 -12.49 -2.58 25.31
CA SER A 74 -12.18 -2.22 26.69
C SER A 74 -10.72 -1.79 26.83
N LYS A 75 -9.84 -2.29 25.97
CA LYS A 75 -8.44 -1.89 25.98
C LYS A 75 -8.11 -0.94 24.84
N ASN A 76 -9.10 -0.48 24.08
CA ASN A 76 -8.90 0.42 22.95
C ASN A 76 -7.72 -0.05 22.09
N THR A 77 -7.74 -1.34 21.73
CA THR A 77 -6.60 -1.94 21.06
C THR A 77 -7.05 -2.74 19.84
N LEU A 78 -6.28 -2.64 18.76
CA LEU A 78 -6.51 -3.38 17.53
C LEU A 78 -5.49 -4.52 17.43
N TYR A 79 -5.91 -5.66 16.90
CA TYR A 79 -5.03 -6.81 16.81
C TYR A 79 -5.02 -7.37 15.40
N LEU A 80 -3.87 -7.95 15.03
CA LEU A 80 -3.76 -8.79 13.84
C LEU A 80 -3.14 -10.13 14.23
N GLN A 81 -3.94 -11.19 14.16
CA GLN A 81 -3.45 -12.55 14.36
C GLN A 81 -2.96 -13.08 13.01
N MET A 82 -1.71 -13.53 12.94
CA MET A 82 -1.12 -13.95 11.68
C MET A 82 -0.71 -15.40 11.82
N ASN A 83 -1.36 -16.28 11.08
CA ASN A 83 -1.06 -17.71 11.09
C ASN A 83 -0.45 -18.10 9.75
N SER A 84 0.14 -19.30 9.73
CA SER A 84 0.65 -19.88 8.49
C SER A 84 1.54 -18.88 7.76
N LEU A 85 2.42 -18.24 8.51
CA LEU A 85 3.23 -17.14 8.00
C LEU A 85 4.21 -17.62 6.92
N ARG A 86 4.52 -16.72 5.99
CA ARG A 86 5.39 -17.02 4.86
C ARG A 86 6.52 -16.00 4.79
N ALA A 87 7.57 -16.34 4.06
CA ALA A 87 8.69 -15.41 3.90
C ALA A 87 8.21 -14.07 3.31
N GLU A 88 7.22 -14.11 2.41
CA GLU A 88 6.60 -12.90 1.84
C GLU A 88 6.08 -11.95 2.90
N ASP A 89 5.57 -12.48 4.01
CA ASP A 89 4.93 -11.64 5.01
C ASP A 89 5.92 -10.78 5.77
N THR A 90 7.22 -10.99 5.56
CA THR A 90 8.27 -10.15 6.13
C THR A 90 8.07 -8.71 5.70
N ALA A 91 7.91 -7.82 6.67
CA ALA A 91 7.55 -6.45 6.35
C ALA A 91 7.53 -5.65 7.65
N VAL A 92 7.44 -4.32 7.50
CA VAL A 92 6.99 -3.45 8.58
C VAL A 92 5.47 -3.39 8.51
N TYR A 93 4.81 -3.58 9.65
CA TYR A 93 3.34 -3.55 9.76
C TYR A 93 2.91 -2.29 10.50
N TYR A 94 2.05 -1.50 9.86
CA TYR A 94 1.47 -0.29 10.42
C TYR A 94 -0.02 -0.52 10.70
N CYS A 95 -0.48 -0.02 11.85
CA CYS A 95 -1.90 0.22 12.01
C CYS A 95 -2.18 1.67 11.68
N ALA A 96 -3.39 1.92 11.19
CA ALA A 96 -3.79 3.24 10.74
C ALA A 96 -5.29 3.40 10.93
N ARG A 97 -5.72 4.65 11.12
CA ARG A 97 -7.13 4.99 11.19
C ARG A 97 -7.55 5.50 9.82
N ASP A 98 -8.64 4.95 9.27
CA ASP A 98 -9.07 5.26 7.92
C ASP A 98 -10.36 6.07 7.96
N LEU A 99 -10.32 7.27 7.38
CA LEU A 99 -11.49 8.14 7.28
C LEU A 99 -12.11 8.12 5.89
N GLY A 100 -11.56 7.33 4.97
CA GLY A 100 -12.18 7.19 3.66
C GLY A 100 -12.19 8.52 2.94
N GLU A 101 -13.34 8.87 2.35
CA GLU A 101 -13.47 10.17 1.71
C GLU A 101 -13.59 11.34 2.68
N ALA A 102 -13.83 11.08 3.97
CA ALA A 102 -13.88 12.16 4.95
C ALA A 102 -12.49 12.55 5.47
N GLY A 103 -11.46 11.89 4.97
CA GLY A 103 -10.09 12.12 5.37
C GLY A 103 -9.29 10.89 5.05
N GLY A 104 -8.00 11.05 4.93
CA GLY A 104 -7.31 9.87 4.45
C GLY A 104 -7.13 8.84 5.53
N MET A 105 -6.00 8.16 5.48
CA MET A 105 -5.47 7.46 6.65
C MET A 105 -4.61 8.51 7.35
N ASP A 106 -5.21 9.21 8.31
CA ASP A 106 -4.57 10.40 8.89
C ASP A 106 -3.68 10.07 10.07
N VAL A 107 -3.95 8.97 10.77
CA VAL A 107 -3.18 8.57 11.93
C VAL A 107 -2.56 7.21 11.66
N TRP A 108 -1.25 7.12 11.79
CA TRP A 108 -0.45 5.93 11.57
C TRP A 108 0.35 5.63 12.82
N GLY A 109 0.56 4.34 13.09
CA GLY A 109 1.53 3.93 14.08
C GLY A 109 2.96 4.11 13.57
N GLN A 110 3.93 3.83 14.46
CA GLN A 110 5.33 3.92 14.08
C GLN A 110 5.80 2.69 13.29
N GLY A 111 5.03 1.60 13.32
CA GLY A 111 5.41 0.38 12.64
C GLY A 111 6.02 -0.65 13.60
N THR A 112 5.82 -1.93 13.27
CA THR A 112 6.50 -3.01 13.98
C THR A 112 6.95 -4.03 12.94
N THR A 113 8.14 -4.57 13.12
CA THR A 113 8.81 -5.32 12.07
C THR A 113 8.60 -6.82 12.27
N VAL A 114 8.17 -7.50 11.21
CA VAL A 114 7.95 -8.94 11.23
C VAL A 114 8.92 -9.56 10.24
N THR A 115 9.72 -10.51 10.70
CA THR A 115 10.67 -11.23 9.85
C THR A 115 10.32 -12.70 9.87
N VAL A 116 9.99 -13.25 8.71
CA VAL A 116 9.63 -14.65 8.59
C VAL A 116 10.77 -15.37 7.87
N SER A 117 11.44 -16.27 8.58
CA SER A 117 12.58 -16.95 7.99
C SER A 117 12.90 -18.21 8.77
N SER A 118 13.41 -19.21 8.06
CA SER A 118 13.85 -20.45 8.68
C SER A 118 15.33 -20.46 9.04
N ALA A 119 16.05 -19.34 8.82
CA ALA A 119 17.46 -19.26 9.16
C ALA A 119 17.65 -19.13 10.68
N SER A 120 18.81 -19.57 11.15
CA SER A 120 19.21 -19.38 12.53
C SER A 120 20.16 -18.19 12.67
N THR A 121 20.18 -17.63 13.88
CA THR A 121 21.13 -16.58 14.21
C THR A 121 22.55 -17.02 13.87
N LYS A 122 23.25 -16.20 13.11
CA LYS A 122 24.62 -16.54 12.70
C LYS A 122 25.37 -15.25 12.43
N GLY A 123 26.55 -15.12 13.03
CA GLY A 123 27.41 -13.98 12.81
C GLY A 123 28.05 -14.01 11.44
N PRO A 124 28.47 -12.84 10.95
CA PRO A 124 29.07 -12.75 9.62
C PRO A 124 30.50 -13.25 9.59
N SER A 125 30.93 -13.66 8.40
CA SER A 125 32.34 -13.74 8.07
C SER A 125 32.72 -12.44 7.36
N VAL A 126 33.87 -11.86 7.74
CA VAL A 126 34.30 -10.58 7.21
C VAL A 126 35.54 -10.81 6.36
N PHE A 127 35.42 -10.49 5.07
CA PHE A 127 36.51 -10.71 4.13
C PHE A 127 37.03 -9.38 3.63
N PRO A 128 38.35 -9.25 3.40
CA PRO A 128 38.86 -8.00 2.84
C PRO A 128 38.40 -7.77 1.40
N LEU A 129 38.16 -6.51 1.08
CA LEU A 129 38.06 -6.02 -0.30
C LEU A 129 39.33 -5.19 -0.50
N ALA A 130 40.36 -5.83 -1.05
CA ALA A 130 41.77 -5.46 -1.11
C ALA A 130 42.03 -4.44 -2.23
N PRO A 131 42.68 -3.33 -1.89
CA PRO A 131 43.00 -2.30 -2.90
C PRO A 131 43.81 -2.92 -4.02
N SER A 132 43.55 -2.42 -5.23
CA SER A 132 44.15 -2.94 -6.45
C SER A 132 45.67 -2.78 -6.43
N SER A 133 46.32 -3.60 -7.26
CA SER A 133 47.77 -3.55 -7.46
C SER A 133 48.17 -2.58 -8.57
N LYS A 134 47.22 -1.90 -9.20
CA LYS A 134 47.51 -0.90 -10.22
C LYS A 134 46.63 0.34 -10.05
N GLY A 139 45.68 8.11 -8.05
CA GLY A 139 44.97 9.15 -7.31
C GLY A 139 44.17 8.61 -6.13
N THR A 140 43.00 8.07 -6.43
CA THR A 140 42.07 7.57 -5.44
C THR A 140 42.06 6.04 -5.46
N ALA A 141 42.31 5.43 -4.29
CA ALA A 141 42.19 3.99 -4.11
C ALA A 141 40.93 3.66 -3.33
N ALA A 142 40.40 2.45 -3.55
CA ALA A 142 39.22 1.98 -2.85
C ALA A 142 39.55 0.68 -2.13
N LEU A 143 39.05 0.57 -0.90
CA LEU A 143 39.17 -0.69 -0.16
C LEU A 143 37.90 -0.87 0.67
N GLY A 144 37.71 -2.08 1.20
CA GLY A 144 36.52 -2.31 1.98
C GLY A 144 36.51 -3.64 2.70
N CYS A 145 35.34 -3.96 3.24
CA CYS A 145 35.07 -5.20 3.94
C CYS A 145 33.78 -5.79 3.40
N LEU A 146 33.78 -7.08 3.12
CA LEU A 146 32.59 -7.82 2.70
C LEU A 146 32.12 -8.60 3.91
N VAL A 147 30.94 -8.24 4.41
CA VAL A 147 30.35 -8.78 5.64
C VAL A 147 29.28 -9.78 5.18
N LYS A 148 29.64 -11.07 5.15
CA LYS A 148 28.90 -12.07 4.40
C LYS A 148 28.26 -13.12 5.32
N ASP A 149 27.05 -13.53 4.96
CA ASP A 149 26.38 -14.70 5.53
C ASP A 149 26.04 -14.53 7.01
N TYR A 150 25.29 -13.50 7.36
CA TYR A 150 24.83 -13.31 8.74
C TYR A 150 23.30 -13.31 8.78
N PHE A 151 22.77 -13.54 9.99
CA PHE A 151 21.33 -13.46 10.22
C PHE A 151 21.09 -13.29 11.70
N PRO A 152 20.12 -12.44 12.11
CA PRO A 152 19.32 -11.54 11.28
C PRO A 152 19.96 -10.18 11.10
N GLU A 153 19.25 -9.26 10.45
CA GLU A 153 19.63 -7.85 10.50
C GLU A 153 19.53 -7.35 11.94
N PRO A 154 20.29 -6.31 12.31
CA PRO A 154 21.24 -5.54 11.51
C PRO A 154 22.69 -5.84 11.86
N VAL A 155 23.56 -5.29 11.03
CA VAL A 155 24.99 -5.27 11.29
C VAL A 155 25.44 -3.82 11.20
N THR A 156 26.44 -3.45 12.01
CA THR A 156 27.00 -2.10 11.94
C THR A 156 28.48 -2.17 11.61
N VAL A 157 28.96 -1.21 10.83
CA VAL A 157 30.35 -1.15 10.40
C VAL A 157 30.87 0.26 10.64
N SER A 158 32.00 0.35 11.32
CA SER A 158 32.79 1.57 11.40
C SER A 158 34.16 1.30 10.80
N TRP A 159 34.92 2.37 10.58
CA TRP A 159 36.30 2.24 10.11
C TRP A 159 37.23 2.90 11.12
N ASN A 160 38.32 2.22 11.44
CA ASN A 160 39.34 2.69 12.40
C ASN A 160 38.69 3.20 13.69
N SER A 161 37.71 2.44 14.19
CA SER A 161 37.02 2.74 15.45
C SER A 161 36.35 4.11 15.42
N GLY A 162 35.82 4.50 14.26
CA GLY A 162 35.15 5.77 14.10
C GLY A 162 36.05 6.94 13.74
N ALA A 163 37.37 6.75 13.71
CA ALA A 163 38.26 7.83 13.32
C ALA A 163 38.21 8.13 11.82
N LEU A 164 37.78 7.16 11.01
CA LEU A 164 37.70 7.33 9.57
C LEU A 164 36.23 7.29 9.16
N THR A 165 35.71 8.43 8.69
CA THR A 165 34.31 8.54 8.28
C THR A 165 34.15 9.08 6.86
N SER A 166 35.05 9.97 6.44
CA SER A 166 34.90 10.62 5.15
C SER A 166 35.15 9.64 3.99
N GLY A 167 34.24 9.64 3.01
CA GLY A 167 34.37 8.76 1.87
C GLY A 167 33.93 7.33 2.12
N VAL A 168 33.35 7.05 3.28
CA VAL A 168 32.86 5.70 3.60
C VAL A 168 31.44 5.54 3.06
N HIS A 169 31.20 4.42 2.38
CA HIS A 169 29.86 4.03 1.97
C HIS A 169 29.62 2.62 2.50
N THR A 170 28.68 2.51 3.44
CA THR A 170 28.22 1.22 3.90
C THR A 170 26.88 0.95 3.24
N PHE A 171 26.82 -0.09 2.46
CA PHE A 171 25.71 -0.37 1.57
C PHE A 171 24.60 -1.14 2.29
N PRO A 172 23.36 -0.98 1.83
CA PRO A 172 22.28 -1.80 2.37
C PRO A 172 22.56 -3.28 2.10
N ALA A 173 22.24 -4.12 3.08
CA ALA A 173 22.42 -5.55 2.92
C ALA A 173 21.48 -6.08 1.85
N VAL A 174 21.90 -7.17 1.21
CA VAL A 174 21.04 -7.94 0.32
C VAL A 174 20.74 -9.26 1.01
N LEU A 175 19.51 -9.73 0.84
CA LEU A 175 19.12 -11.05 1.28
C LEU A 175 19.48 -12.04 0.17
N GLN A 176 20.30 -13.04 0.50
CA GLN A 176 20.70 -14.01 -0.49
C GLN A 176 19.70 -15.16 -0.54
N SER A 177 19.81 -15.98 -1.58
CA SER A 177 18.91 -17.13 -1.71
C SER A 177 19.08 -18.12 -0.57
N SER A 178 20.22 -18.09 0.10
CA SER A 178 20.44 -18.98 1.24
C SER A 178 19.64 -18.58 2.48
N GLY A 179 18.99 -17.42 2.48
CA GLY A 179 18.35 -16.91 3.67
C GLY A 179 19.24 -16.07 4.57
N LEU A 180 20.52 -15.94 4.22
CA LEU A 180 21.48 -15.13 4.97
C LEU A 180 21.71 -13.80 4.27
N TYR A 181 21.99 -12.77 5.07
CA TYR A 181 22.26 -11.44 4.56
C TYR A 181 23.76 -11.25 4.27
N SER A 182 24.04 -10.30 3.40
CA SER A 182 25.40 -9.93 3.06
C SER A 182 25.42 -8.47 2.68
N LEU A 183 26.42 -7.74 3.18
CA LEU A 183 26.61 -6.35 2.80
C LEU A 183 28.07 -6.07 2.59
N SER A 184 28.37 -4.93 1.98
CA SER A 184 29.73 -4.47 1.80
C SER A 184 29.85 -3.07 2.36
N SER A 185 31.03 -2.75 2.90
CA SER A 185 31.33 -1.39 3.30
C SER A 185 32.67 -1.00 2.68
N VAL A 186 32.73 0.19 2.06
CA VAL A 186 33.93 0.62 1.34
C VAL A 186 34.35 2.02 1.79
N VAL A 187 35.60 2.35 1.51
CA VAL A 187 36.13 3.70 1.70
C VAL A 187 37.09 4.00 0.56
N THR A 188 37.05 5.24 0.05
CA THR A 188 38.06 5.73 -0.87
C THR A 188 39.05 6.63 -0.13
N VAL A 189 40.33 6.46 -0.46
CA VAL A 189 41.42 7.16 0.22
C VAL A 189 42.45 7.59 -0.81
N PRO A 190 43.30 8.56 -0.48
CA PRO A 190 44.43 8.87 -1.36
C PRO A 190 45.29 7.61 -1.52
N SER A 191 45.62 7.28 -2.76
CA SER A 191 46.41 6.07 -2.99
C SER A 191 47.78 6.15 -2.31
N SER A 192 48.31 7.35 -2.11
CA SER A 192 49.58 7.49 -1.39
C SER A 192 49.47 7.09 0.07
N SER A 193 48.26 7.02 0.62
CA SER A 193 48.11 6.65 2.02
C SER A 193 48.13 5.14 2.24
N LEU A 194 48.02 4.34 1.18
CA LEU A 194 47.97 2.89 1.37
C LEU A 194 49.25 2.37 2.01
N GLY A 195 50.40 2.98 1.72
CA GLY A 195 51.63 2.52 2.32
C GLY A 195 51.84 2.96 3.76
N THR A 196 51.09 3.96 4.22
CA THR A 196 51.37 4.63 5.48
C THR A 196 50.29 4.51 6.53
N GLN A 197 49.02 4.39 6.15
CA GLN A 197 47.90 4.36 7.07
C GLN A 197 47.35 2.95 7.16
N THR A 198 46.99 2.52 8.37
CA THR A 198 46.32 1.25 8.57
C THR A 198 44.79 1.41 8.46
N TYR A 199 44.15 0.40 7.88
CA TYR A 199 42.72 0.44 7.63
C TYR A 199 42.08 -0.80 8.22
N ILE A 200 41.21 -0.59 9.21
CA ILE A 200 40.54 -1.67 9.93
C ILE A 200 39.05 -1.37 9.91
N CYS A 201 38.25 -2.32 9.45
CA CYS A 201 36.80 -2.22 9.59
C CYS A 201 36.37 -2.96 10.85
N ASN A 202 35.49 -2.31 11.61
CA ASN A 202 34.94 -2.84 12.86
C ASN A 202 33.49 -3.20 12.59
N VAL A 203 33.19 -4.49 12.67
CA VAL A 203 31.89 -5.05 12.35
C VAL A 203 31.25 -5.54 13.65
N ASN A 204 30.00 -5.16 13.86
CA ASN A 204 29.23 -5.56 15.03
C ASN A 204 27.95 -6.23 14.55
N HIS A 205 27.71 -7.46 15.02
CA HIS A 205 26.45 -8.17 14.84
C HIS A 205 25.96 -8.49 16.25
N LYS A 206 25.20 -7.56 16.83
CA LYS A 206 24.66 -7.77 18.16
C LYS A 206 23.86 -9.06 18.31
N PRO A 207 22.97 -9.44 17.38
CA PRO A 207 22.14 -10.63 17.64
C PRO A 207 22.92 -11.90 17.91
N SER A 208 24.07 -12.08 17.26
CA SER A 208 24.96 -13.19 17.56
C SER A 208 26.05 -12.80 18.54
N ASN A 209 26.04 -11.57 19.03
CA ASN A 209 27.09 -11.07 19.92
C ASN A 209 28.46 -11.21 19.29
N THR A 210 28.57 -10.92 18.00
CA THR A 210 29.82 -11.05 17.25
C THR A 210 30.45 -9.68 17.01
N LYS A 211 31.73 -9.55 17.32
CA LYS A 211 32.50 -8.34 17.03
C LYS A 211 33.76 -8.75 16.29
N VAL A 212 33.99 -8.17 15.11
CA VAL A 212 35.11 -8.53 14.26
C VAL A 212 35.85 -7.26 13.82
N ASP A 213 37.16 -7.25 13.97
CA ASP A 213 37.98 -6.15 13.45
C ASP A 213 38.90 -6.74 12.39
N LYS A 214 38.70 -6.32 11.15
CA LYS A 214 39.43 -6.86 10.01
C LYS A 214 40.33 -5.78 9.44
N LYS A 215 41.63 -6.07 9.40
CA LYS A 215 42.59 -5.18 8.77
C LYS A 215 42.63 -5.46 7.28
N VAL A 216 42.59 -4.40 6.49
CA VAL A 216 42.53 -4.51 5.03
C VAL A 216 43.76 -3.80 4.47
N GLU A 217 44.61 -4.55 3.79
CA GLU A 217 45.87 -4.04 3.28
C GLU A 217 46.03 -4.43 1.82
N PRO A 218 46.95 -3.78 1.09
CA PRO A 218 47.17 -4.15 -0.31
C PRO A 218 47.65 -5.58 -0.44
N LYS A 219 47.25 -6.19 -1.55
CA LYS A 219 47.50 -7.60 -1.75
C LYS A 219 48.45 -7.86 -2.89
N ILE B 2 -9.31 -0.92 -10.13
CA ILE B 2 -8.65 0.34 -10.45
C ILE B 2 -7.13 0.31 -10.23
N GLN B 3 -6.38 0.68 -11.27
CA GLN B 3 -4.93 0.84 -11.18
C GLN B 3 -4.58 2.32 -11.22
N LEU B 4 -3.58 2.69 -10.42
CA LEU B 4 -3.06 4.06 -10.39
C LEU B 4 -1.64 4.06 -10.93
N THR B 5 -1.41 4.83 -11.99
CA THR B 5 -0.10 4.95 -12.60
C THR B 5 0.48 6.31 -12.24
N GLN B 6 1.52 6.30 -11.43
CA GLN B 6 2.15 7.52 -10.95
C GLN B 6 3.37 7.85 -11.80
N SER B 7 3.43 9.06 -12.32
CA SER B 7 4.61 9.48 -13.06
C SER B 7 5.11 10.83 -12.58
N PRO B 8 6.43 11.07 -12.68
CA PRO B 8 7.47 10.11 -13.09
C PRO B 8 7.85 9.22 -11.91
N SER B 9 8.57 8.11 -12.11
CA SER B 9 8.99 7.29 -10.98
C SER B 9 9.94 8.04 -10.07
N SER B 10 10.85 8.83 -10.64
CA SER B 10 11.68 9.71 -9.83
C SER B 10 11.84 11.03 -10.55
N LEU B 11 11.96 12.08 -9.76
CA LEU B 11 12.17 13.42 -10.34
C LEU B 11 13.27 14.17 -9.61
N SER B 12 14.08 14.89 -10.37
CA SER B 12 15.17 15.66 -9.81
C SER B 12 14.77 17.11 -9.70
N ALA B 13 15.06 17.72 -8.56
CA ALA B 13 14.62 19.09 -8.36
C ALA B 13 15.60 19.79 -7.45
N SER B 14 15.51 21.12 -7.44
CA SER B 14 16.31 21.96 -6.55
C SER B 14 15.37 22.69 -5.60
N VAL B 15 15.95 23.17 -4.49
CA VAL B 15 15.20 23.95 -3.52
C VAL B 15 14.63 25.18 -4.19
N GLY B 16 13.35 25.46 -3.95
CA GLY B 16 12.67 26.58 -4.57
C GLY B 16 12.04 26.28 -5.91
N ASP B 17 12.17 25.07 -6.42
CA ASP B 17 11.51 24.67 -7.65
C ASP B 17 10.02 24.42 -7.42
N ARG B 18 9.28 24.50 -8.51
CA ARG B 18 7.91 24.02 -8.56
C ARG B 18 7.93 22.58 -9.04
N VAL B 19 7.33 21.67 -8.27
CA VAL B 19 7.34 20.25 -8.54
C VAL B 19 5.91 19.78 -8.78
N THR B 20 5.72 18.98 -9.82
CA THR B 20 4.42 18.45 -10.22
C THR B 20 4.52 16.94 -10.36
N ILE B 21 3.64 16.22 -9.68
CA ILE B 21 3.60 14.76 -9.65
C ILE B 21 2.21 14.32 -10.08
N THR B 22 2.11 13.38 -11.02
CA THR B 22 0.79 13.04 -11.54
C THR B 22 0.44 11.60 -11.26
N CYS B 23 -0.86 11.38 -11.10
CA CYS B 23 -1.45 10.10 -10.79
C CYS B 23 -2.59 9.92 -11.78
N ARG B 24 -2.48 8.91 -12.65
CA ARG B 24 -3.49 8.63 -13.65
C ARG B 24 -4.26 7.38 -13.24
N ALA B 25 -5.56 7.52 -13.06
CA ALA B 25 -6.42 6.39 -12.73
C ALA B 25 -6.94 5.76 -14.00
N SER B 26 -7.23 4.46 -13.93
CA SER B 26 -7.56 3.75 -15.15
C SER B 26 -9.01 3.88 -15.58
N GLN B 27 -9.90 4.46 -14.76
CA GLN B 27 -11.29 4.49 -15.23
C GLN B 27 -12.02 5.84 -15.11
N GLY B 28 -11.69 6.64 -14.11
CA GLY B 28 -12.54 7.77 -13.83
C GLY B 28 -13.22 7.60 -12.48
N ILE B 29 -12.74 8.34 -11.48
CA ILE B 29 -13.12 8.07 -10.09
C ILE B 29 -13.55 9.39 -9.44
N PRO B 30 -14.39 9.35 -8.41
CA PRO B 30 -14.71 10.58 -7.68
C PRO B 30 -13.46 11.22 -7.10
N SER B 31 -13.40 12.55 -7.17
CA SER B 31 -12.26 13.28 -6.62
C SER B 31 -12.10 13.02 -5.14
N SER B 32 -13.19 12.69 -4.45
CA SER B 32 -13.12 12.42 -3.02
C SER B 32 -12.38 11.13 -2.71
N TYR B 33 -12.10 10.29 -3.72
CA TYR B 33 -11.45 9.01 -3.51
C TYR B 33 -9.93 9.09 -3.44
N LEU B 34 -9.32 10.22 -3.76
CA LEU B 34 -7.88 10.26 -3.98
C LEU B 34 -7.18 11.02 -2.87
N ALA B 35 -6.15 10.37 -2.32
CA ALA B 35 -5.32 10.96 -1.27
C ALA B 35 -3.86 10.88 -1.68
N TRP B 36 -3.07 11.80 -1.14
CA TRP B 36 -1.62 11.85 -1.35
C TRP B 36 -0.93 11.75 -0.01
N TYR B 37 0.13 10.92 0.01
CA TYR B 37 0.96 10.67 1.18
C TYR B 37 2.44 10.90 0.85
N GLN B 38 3.19 11.26 1.88
CA GLN B 38 4.64 11.38 1.82
C GLN B 38 5.28 10.33 2.71
N GLN B 39 6.40 9.76 2.25
CA GLN B 39 7.18 8.85 3.08
C GLN B 39 8.68 9.11 2.93
N LYS B 40 9.38 9.13 4.06
CA LYS B 40 10.83 9.19 4.15
C LYS B 40 11.38 7.84 4.61
N PRO B 41 12.64 7.51 4.27
CA PRO B 41 13.16 6.18 4.61
C PRO B 41 13.05 5.84 6.09
N GLY B 42 12.64 4.61 6.37
CA GLY B 42 12.49 4.14 7.74
C GLY B 42 11.39 4.80 8.56
N LYS B 43 10.47 5.53 7.92
CA LYS B 43 9.43 6.25 8.64
C LYS B 43 8.06 5.86 8.10
N ALA B 44 7.04 6.07 8.93
CA ALA B 44 5.68 5.82 8.52
C ALA B 44 5.25 6.83 7.46
N PRO B 45 4.31 6.46 6.59
CA PRO B 45 3.74 7.46 5.68
C PRO B 45 3.04 8.56 6.47
N LYS B 46 2.86 9.68 5.80
CA LYS B 46 2.20 10.85 6.39
C LYS B 46 1.20 11.38 5.38
N LEU B 47 -0.04 11.59 5.83
CA LEU B 47 -1.08 12.05 4.93
C LEU B 47 -0.85 13.52 4.60
N LEU B 48 -0.87 13.84 3.31
CA LEU B 48 -0.73 15.22 2.84
C LEU B 48 -2.05 15.80 2.38
N ILE B 49 -2.78 15.07 1.53
CA ILE B 49 -4.01 15.60 0.95
C ILE B 49 -5.02 14.47 0.86
N TYR B 50 -6.29 14.78 1.08
CA TYR B 50 -7.38 13.82 0.86
C TYR B 50 -8.46 14.49 0.03
N ALA B 51 -9.32 13.67 -0.57
CA ALA B 51 -10.37 14.14 -1.47
C ALA B 51 -9.77 15.00 -2.58
N ALA B 52 -8.56 14.62 -3.00
CA ALA B 52 -7.82 15.13 -4.14
C ALA B 52 -7.32 16.57 -3.99
N SER B 53 -7.95 17.39 -3.13
CA SER B 53 -7.50 18.78 -3.01
C SER B 53 -7.54 19.33 -1.60
N THR B 54 -8.02 18.59 -0.62
CA THR B 54 -8.10 19.13 0.73
C THR B 54 -6.77 18.93 1.45
N LEU B 55 -6.17 20.03 1.90
CA LEU B 55 -4.93 19.97 2.64
C LEU B 55 -5.17 19.42 4.04
N GLN B 56 -4.41 18.40 4.41
CA GLN B 56 -4.49 17.88 5.76
C GLN B 56 -3.99 18.93 6.74
N SER B 57 -4.75 19.15 7.82
CA SER B 57 -4.36 20.14 8.81
C SER B 57 -2.98 19.81 9.35
N GLY B 58 -2.13 20.83 9.43
CA GLY B 58 -0.74 20.67 9.87
C GLY B 58 0.27 20.60 8.74
N VAL B 59 -0.18 20.35 7.51
CA VAL B 59 0.70 20.19 6.35
C VAL B 59 0.96 21.56 5.74
N PRO B 60 2.21 21.89 5.40
CA PRO B 60 2.51 23.24 4.89
C PRO B 60 1.74 23.55 3.61
N SER B 61 1.40 24.83 3.45
CA SER B 61 0.52 25.30 2.38
C SER B 61 1.16 25.22 1.00
N ARG B 62 2.46 24.99 0.90
CA ARG B 62 3.08 24.83 -0.41
C ARG B 62 2.66 23.53 -1.08
N PHE B 63 2.09 22.60 -0.32
CA PHE B 63 1.53 21.38 -0.88
C PHE B 63 0.11 21.68 -1.33
N SER B 64 -0.24 21.23 -2.53
CA SER B 64 -1.59 21.45 -3.03
C SER B 64 -1.94 20.32 -3.98
N GLY B 65 -3.19 19.87 -3.92
CA GLY B 65 -3.69 18.83 -4.79
C GLY B 65 -4.75 19.38 -5.73
N SER B 66 -4.85 18.78 -6.91
CA SER B 66 -5.98 19.04 -7.80
C SER B 66 -6.14 17.86 -8.75
N GLY B 67 -7.09 17.99 -9.67
CA GLY B 67 -7.38 16.97 -10.64
C GLY B 67 -8.78 16.43 -10.49
N SER B 68 -9.17 15.62 -11.49
CA SER B 68 -10.47 14.97 -11.49
C SER B 68 -10.48 13.91 -12.57
N GLY B 69 -11.56 13.12 -12.56
CA GLY B 69 -11.74 12.06 -13.54
C GLY B 69 -10.67 11.01 -13.44
N THR B 70 -9.75 11.01 -14.40
CA THR B 70 -8.66 10.06 -14.42
C THR B 70 -7.32 10.68 -14.10
N ASP B 71 -7.23 12.01 -13.94
CA ASP B 71 -5.93 12.66 -13.88
C ASP B 71 -5.84 13.59 -12.68
N PHE B 72 -4.92 13.27 -11.76
CA PHE B 72 -4.77 14.01 -10.52
C PHE B 72 -3.32 14.43 -10.36
N THR B 73 -3.10 15.50 -9.60
CA THR B 73 -1.81 16.13 -9.52
C THR B 73 -1.54 16.59 -8.10
N LEU B 74 -0.30 16.35 -7.65
CA LEU B 74 0.27 16.91 -6.43
C LEU B 74 1.33 17.93 -6.81
N THR B 75 1.20 19.15 -6.29
CA THR B 75 2.11 20.24 -6.59
C THR B 75 2.76 20.71 -5.30
N ILE B 76 4.08 20.79 -5.31
CA ILE B 76 4.85 21.47 -4.26
C ILE B 76 5.38 22.76 -4.89
N SER B 77 4.90 23.90 -4.41
CA SER B 77 5.09 25.13 -5.17
C SER B 77 6.51 25.68 -5.03
N SER B 78 7.13 25.52 -3.87
CA SER B 78 8.52 25.99 -3.66
C SER B 78 9.24 24.95 -2.83
N LEU B 79 9.93 24.03 -3.52
CA LEU B 79 10.48 22.84 -2.88
C LEU B 79 11.41 23.24 -1.74
N GLN B 80 11.22 22.59 -0.59
CA GLN B 80 12.05 22.82 0.59
C GLN B 80 12.90 21.59 0.85
N PRO B 81 14.04 21.74 1.55
CA PRO B 81 14.94 20.59 1.72
C PRO B 81 14.30 19.40 2.40
N GLU B 82 13.35 19.64 3.31
CA GLU B 82 12.68 18.52 3.97
C GLU B 82 11.65 17.85 3.06
N ASP B 83 11.45 18.36 1.84
CA ASP B 83 10.48 17.80 0.91
C ASP B 83 11.05 16.67 0.06
N PHE B 84 12.38 16.54 -0.05
CA PHE B 84 12.97 15.42 -0.76
C PHE B 84 12.58 14.12 -0.07
N ALA B 85 11.86 13.26 -0.79
CA ALA B 85 11.10 12.18 -0.17
C ALA B 85 10.37 11.39 -1.25
N THR B 86 9.69 10.31 -0.89
CA THR B 86 8.83 9.61 -1.84
C THR B 86 7.38 10.03 -1.59
N TYR B 87 6.59 10.04 -2.67
CA TYR B 87 5.19 10.45 -2.61
C TYR B 87 4.33 9.39 -3.28
N TYR B 88 3.19 9.06 -2.66
CA TYR B 88 2.25 8.06 -3.17
C TYR B 88 0.86 8.65 -3.30
N CYS B 89 0.17 8.31 -4.38
CA CYS B 89 -1.26 8.54 -4.45
C CYS B 89 -2.00 7.27 -4.06
N GLN B 90 -3.21 7.45 -3.53
CA GLN B 90 -4.03 6.35 -3.03
C GLN B 90 -5.48 6.54 -3.42
N GLN B 91 -6.14 5.45 -3.78
CA GLN B 91 -7.56 5.42 -4.10
C GLN B 91 -8.31 4.82 -2.92
N LEU B 92 -9.05 5.67 -2.19
CA LEU B 92 -9.76 5.30 -0.97
C LEU B 92 -11.15 4.72 -1.28
N ASN B 93 -11.91 4.46 -0.21
CA ASN B 93 -13.32 4.05 -0.23
C ASN B 93 -13.50 2.62 -0.76
N SER B 94 -12.45 2.02 -1.26
CA SER B 94 -12.49 0.64 -1.75
C SER B 94 -11.61 -0.24 -0.87
N TYR B 95 -11.99 -1.51 -0.76
CA TYR B 95 -11.18 -2.51 -0.07
C TYR B 95 -11.02 -3.70 -1.00
N PRO B 96 -9.80 -3.94 -1.55
CA PRO B 96 -8.55 -3.21 -1.31
C PRO B 96 -8.46 -1.85 -1.98
N PRO B 97 -7.77 -0.92 -1.34
CA PRO B 97 -7.44 0.34 -1.99
C PRO B 97 -6.31 0.12 -3.00
N ALA B 98 -6.22 1.05 -3.94
CA ALA B 98 -5.14 1.07 -4.90
C ALA B 98 -4.11 2.13 -4.50
N PHE B 99 -2.83 1.78 -4.64
CA PHE B 99 -1.73 2.73 -4.47
C PHE B 99 -1.02 2.93 -5.79
N GLY B 100 -0.64 4.18 -6.08
CA GLY B 100 0.28 4.43 -7.17
C GLY B 100 1.67 3.93 -6.84
N GLY B 101 2.49 3.79 -7.88
CA GLY B 101 3.84 3.25 -7.73
C GLY B 101 4.79 4.15 -6.95
N GLY B 102 4.48 5.43 -6.83
CA GLY B 102 5.34 6.31 -6.05
C GLY B 102 6.30 7.11 -6.91
N THR B 103 6.58 8.33 -6.47
CA THR B 103 7.53 9.22 -7.11
C THR B 103 8.57 9.63 -6.08
N LYS B 104 9.84 9.41 -6.38
CA LYS B 104 10.91 9.84 -5.50
C LYS B 104 11.39 11.21 -5.96
N VAL B 105 11.26 12.20 -5.09
CA VAL B 105 11.78 13.53 -5.34
C VAL B 105 13.15 13.61 -4.69
N GLU B 106 14.17 13.83 -5.52
CA GLU B 106 15.57 13.74 -5.15
C GLU B 106 16.29 14.99 -5.65
N ILE B 107 17.52 15.17 -5.17
CA ILE B 107 18.25 16.42 -5.35
C ILE B 107 18.95 16.42 -6.70
N LYS B 108 18.66 17.44 -7.51
CA LYS B 108 19.32 17.60 -8.79
C LYS B 108 20.71 18.19 -8.61
N ARG B 109 21.63 17.78 -9.47
CA ARG B 109 23.02 18.25 -9.51
C ARG B 109 23.58 17.88 -10.87
N THR B 110 24.82 18.30 -11.14
CA THR B 110 25.46 17.99 -12.42
C THR B 110 25.81 16.51 -12.52
N VAL B 111 25.96 16.04 -13.76
CA VAL B 111 26.30 14.65 -14.01
C VAL B 111 27.71 14.38 -13.51
N ALA B 112 27.89 13.24 -12.83
CA ALA B 112 29.17 12.84 -12.30
C ALA B 112 29.39 11.36 -12.62
N ALA B 113 30.47 11.06 -13.34
CA ALA B 113 30.77 9.68 -13.68
C ALA B 113 31.26 8.93 -12.43
N PRO B 114 30.92 7.66 -12.29
CA PRO B 114 31.42 6.90 -11.13
C PRO B 114 32.89 6.57 -11.31
N SER B 115 33.60 6.44 -10.20
CA SER B 115 34.86 5.73 -10.28
C SER B 115 34.56 4.25 -9.99
N VAL B 116 35.17 3.36 -10.78
CA VAL B 116 34.82 1.95 -10.78
C VAL B 116 35.98 1.13 -10.22
N PHE B 117 35.68 0.22 -9.32
CA PHE B 117 36.70 -0.67 -8.75
C PHE B 117 36.17 -2.10 -8.78
N ILE B 118 37.06 -3.06 -9.03
CA ILE B 118 36.69 -4.47 -8.95
C ILE B 118 37.58 -5.16 -7.92
N PHE B 119 36.99 -6.07 -7.15
CA PHE B 119 37.67 -6.77 -6.06
C PHE B 119 37.51 -8.26 -6.28
N PRO B 120 38.60 -9.00 -6.45
CA PRO B 120 38.53 -10.45 -6.51
C PRO B 120 38.16 -11.02 -5.16
N PRO B 121 37.75 -12.28 -5.10
CA PRO B 121 37.49 -12.90 -3.80
C PRO B 121 38.79 -13.06 -3.04
N SER B 122 38.70 -12.97 -1.72
CA SER B 122 39.87 -13.16 -0.87
C SER B 122 40.22 -14.65 -0.79
N ASP B 123 41.50 -14.92 -0.53
CA ASP B 123 41.95 -16.29 -0.33
C ASP B 123 41.20 -16.94 0.83
N GLU B 124 40.97 -16.17 1.91
CA GLU B 124 40.22 -16.70 3.05
C GLU B 124 38.85 -17.21 2.62
N GLN B 125 38.11 -16.42 1.84
CA GLN B 125 36.79 -16.88 1.40
C GLN B 125 36.91 -18.10 0.49
N LEU B 126 37.91 -18.10 -0.39
CA LEU B 126 38.10 -19.20 -1.33
C LEU B 126 38.33 -20.53 -0.61
N LYS B 127 39.04 -20.51 0.52
CA LYS B 127 39.22 -21.77 1.26
C LYS B 127 37.88 -22.40 1.62
N SER B 128 36.85 -21.57 1.78
CA SER B 128 35.55 -21.99 2.26
C SER B 128 34.62 -22.48 1.15
N GLY B 129 35.05 -22.45 -0.11
CA GLY B 129 34.25 -22.99 -1.19
C GLY B 129 33.40 -22.01 -1.97
N THR B 130 33.40 -20.71 -1.62
CA THR B 130 32.62 -19.71 -2.35
C THR B 130 33.52 -18.55 -2.77
N ALA B 131 33.22 -17.95 -3.92
CA ALA B 131 33.90 -16.76 -4.42
C ALA B 131 32.87 -15.66 -4.64
N SER B 132 33.05 -14.54 -3.95
CA SER B 132 32.30 -13.32 -4.20
C SER B 132 33.22 -12.30 -4.87
N VAL B 133 32.84 -11.83 -6.05
CA VAL B 133 33.53 -10.78 -6.78
C VAL B 133 32.70 -9.51 -6.62
N VAL B 134 33.35 -8.41 -6.25
CA VAL B 134 32.62 -7.19 -5.87
C VAL B 134 33.04 -6.07 -6.81
N CYS B 135 32.07 -5.34 -7.34
CA CYS B 135 32.30 -4.18 -8.19
C CYS B 135 31.68 -2.96 -7.52
N LEU B 136 32.48 -1.91 -7.34
CA LEU B 136 32.02 -0.68 -6.70
C LEU B 136 31.95 0.45 -7.71
N LEU B 137 30.83 1.17 -7.73
CA LEU B 137 30.63 2.39 -8.51
C LEU B 137 30.50 3.49 -7.49
N ASN B 138 31.46 4.42 -7.49
CA ASN B 138 31.63 5.36 -6.39
C ASN B 138 31.27 6.77 -6.85
N ASN B 139 30.35 7.39 -6.10
CA ASN B 139 29.97 8.80 -6.18
C ASN B 139 29.68 9.24 -7.62
N PHE B 140 28.59 8.68 -8.15
CA PHE B 140 28.10 9.04 -9.48
C PHE B 140 26.73 9.72 -9.38
N TYR B 141 26.33 10.34 -10.50
CA TYR B 141 25.05 11.02 -10.64
C TYR B 141 24.76 11.15 -12.12
N PRO B 142 23.54 10.87 -12.58
CA PRO B 142 22.36 10.46 -11.81
C PRO B 142 22.41 9.02 -11.36
N ARG B 143 21.31 8.57 -10.75
CA ARG B 143 21.27 7.26 -10.12
C ARG B 143 21.25 6.12 -11.14
N GLU B 144 20.71 6.36 -12.32
CA GLU B 144 20.64 5.30 -13.34
C GLU B 144 22.03 4.84 -13.74
N ALA B 145 22.24 3.52 -13.69
CA ALA B 145 23.55 2.94 -13.94
C ALA B 145 23.38 1.45 -14.22
N LYS B 146 24.17 0.93 -15.16
CA LYS B 146 24.08 -0.46 -15.58
C LYS B 146 25.40 -1.17 -15.30
N VAL B 147 25.34 -2.23 -14.50
CA VAL B 147 26.47 -3.11 -14.22
C VAL B 147 26.24 -4.42 -14.96
N GLN B 148 27.17 -4.78 -15.84
CA GLN B 148 27.19 -6.03 -16.58
C GLN B 148 28.42 -6.82 -16.14
N TRP B 149 28.21 -7.96 -15.47
CA TRP B 149 29.32 -8.87 -15.18
C TRP B 149 29.66 -9.71 -16.40
N LYS B 150 30.94 -9.93 -16.63
CA LYS B 150 31.39 -10.83 -17.67
C LYS B 150 32.43 -11.78 -17.12
N VAL B 151 32.34 -13.05 -17.53
CA VAL B 151 33.28 -14.08 -17.14
C VAL B 151 33.79 -14.73 -18.41
N ASP B 152 35.08 -14.53 -18.70
CA ASP B 152 35.69 -14.92 -19.98
C ASP B 152 34.85 -14.39 -21.14
N ASN B 153 34.34 -13.17 -20.97
CA ASN B 153 33.54 -12.42 -21.93
C ASN B 153 32.14 -12.98 -22.11
N ALA B 154 31.72 -13.93 -21.28
CA ALA B 154 30.34 -14.39 -21.28
C ALA B 154 29.54 -13.50 -20.35
N LEU B 155 28.41 -12.98 -20.83
CA LEU B 155 27.59 -12.09 -20.02
C LEU B 155 26.83 -12.89 -18.98
N GLN B 156 26.84 -12.40 -17.74
CA GLN B 156 26.33 -13.13 -16.60
C GLN B 156 24.95 -12.61 -16.23
N SER B 157 24.05 -13.53 -15.93
CA SER B 157 22.70 -13.16 -15.53
C SER B 157 22.23 -14.14 -14.46
N GLY B 158 21.59 -13.60 -13.43
CA GLY B 158 21.02 -14.41 -12.37
C GLY B 158 21.98 -14.87 -11.30
N ASN B 159 23.23 -14.41 -11.30
CA ASN B 159 24.17 -14.79 -10.26
C ASN B 159 24.81 -13.56 -9.61
N SER B 160 24.13 -12.41 -9.63
CA SER B 160 24.63 -11.20 -9.00
C SER B 160 23.51 -10.51 -8.23
N GLN B 161 23.89 -9.75 -7.22
CA GLN B 161 22.96 -8.91 -6.47
C GLN B 161 23.60 -7.55 -6.26
N GLU B 162 22.80 -6.51 -6.20
CA GLU B 162 23.37 -5.17 -6.05
C GLU B 162 22.54 -4.33 -5.11
N SER B 163 23.17 -3.25 -4.67
CA SER B 163 22.68 -2.45 -3.56
C SER B 163 23.15 -1.03 -3.81
N VAL B 164 22.34 -0.04 -3.46
CA VAL B 164 22.64 1.36 -3.77
C VAL B 164 22.44 2.20 -2.52
N THR B 165 23.33 3.17 -2.28
CA THR B 165 23.21 4.05 -1.13
C THR B 165 22.17 5.14 -1.40
N GLU B 166 21.77 5.81 -0.34
CA GLU B 166 20.94 7.00 -0.49
C GLU B 166 21.81 8.16 -0.94
N GLN B 167 21.16 9.22 -1.42
CA GLN B 167 21.91 10.35 -1.97
C GLN B 167 22.85 10.91 -0.90
N ASP B 168 24.09 11.16 -1.29
CA ASP B 168 25.09 11.59 -0.32
C ASP B 168 24.74 12.94 0.27
N SER B 169 24.89 13.06 1.60
CA SER B 169 24.47 14.29 2.28
C SER B 169 25.32 15.49 1.87
N LYS B 170 26.54 15.25 1.37
CA LYS B 170 27.45 16.33 1.03
C LYS B 170 27.45 16.64 -0.47
N ASP B 171 27.67 15.65 -1.33
CA ASP B 171 27.75 15.91 -2.77
C ASP B 171 26.57 15.39 -3.57
N SER B 172 25.56 14.82 -2.91
CA SER B 172 24.31 14.38 -3.57
C SER B 172 24.55 13.33 -4.65
N THR B 173 25.59 12.53 -4.51
CA THR B 173 25.83 11.43 -5.45
C THR B 173 25.28 10.14 -4.88
N TYR B 174 25.30 9.11 -5.71
CA TYR B 174 24.98 7.74 -5.36
C TYR B 174 26.24 6.89 -5.46
N SER B 175 26.21 5.76 -4.75
CA SER B 175 27.20 4.72 -4.89
C SER B 175 26.49 3.38 -4.97
N LEU B 176 27.12 2.44 -5.65
CA LEU B 176 26.51 1.15 -5.95
C LEU B 176 27.54 0.06 -5.71
N SER B 177 27.08 -1.03 -5.10
CA SER B 177 27.88 -2.23 -4.87
C SER B 177 27.19 -3.42 -5.52
N SER B 178 27.92 -4.15 -6.36
CA SER B 178 27.39 -5.34 -7.00
C SER B 178 28.27 -6.55 -6.68
N THR B 179 27.66 -7.65 -6.28
CA THR B 179 28.35 -8.88 -5.91
C THR B 179 27.95 -10.00 -6.86
N LEU B 180 28.94 -10.56 -7.54
CA LEU B 180 28.81 -11.76 -8.34
C LEU B 180 29.26 -12.95 -7.51
N THR B 181 28.41 -13.97 -7.40
CA THR B 181 28.70 -15.11 -6.53
C THR B 181 28.86 -16.37 -7.36
N LEU B 182 29.93 -17.11 -7.08
CA LEU B 182 30.24 -18.35 -7.77
C LEU B 182 30.70 -19.38 -6.75
N SER B 183 30.51 -20.65 -7.05
CA SER B 183 31.20 -21.66 -6.27
C SER B 183 32.69 -21.61 -6.57
N LYS B 184 33.50 -22.16 -5.67
CA LYS B 184 34.95 -22.12 -5.87
C LYS B 184 35.34 -22.85 -7.16
N ALA B 185 34.76 -24.02 -7.40
CA ALA B 185 35.12 -24.78 -8.60
C ALA B 185 34.70 -24.04 -9.86
N ASP B 186 33.50 -23.46 -9.86
CA ASP B 186 33.05 -22.68 -10.99
C ASP B 186 33.95 -21.47 -11.19
N TYR B 187 34.31 -20.80 -10.09
CA TYR B 187 35.27 -19.72 -10.15
C TYR B 187 36.54 -20.18 -10.85
N GLU B 188 37.04 -21.36 -10.49
CA GLU B 188 38.33 -21.82 -11.01
C GLU B 188 38.26 -22.33 -12.44
N LYS B 189 37.05 -22.48 -13.01
CA LYS B 189 36.92 -22.82 -14.42
C LYS B 189 37.18 -21.66 -15.38
N HIS B 190 37.46 -20.45 -14.90
CA HIS B 190 37.51 -19.28 -15.78
C HIS B 190 38.66 -18.35 -15.37
N LYS B 191 39.07 -17.47 -16.30
CA LYS B 191 40.22 -16.60 -16.06
C LYS B 191 39.87 -15.13 -15.89
N VAL B 192 39.14 -14.52 -16.83
CA VAL B 192 38.97 -13.07 -16.87
C VAL B 192 37.63 -12.72 -16.23
N TYR B 193 37.69 -11.95 -15.15
CA TYR B 193 36.51 -11.50 -14.42
C TYR B 193 36.39 -9.99 -14.61
N ALA B 194 35.23 -9.55 -15.08
CA ALA B 194 35.13 -8.18 -15.55
C ALA B 194 33.79 -7.58 -15.15
N CYS B 195 33.83 -6.30 -14.82
CA CYS B 195 32.66 -5.51 -14.47
C CYS B 195 32.59 -4.37 -15.48
N GLU B 196 31.49 -4.29 -16.23
CA GLU B 196 31.32 -3.30 -17.29
C GLU B 196 30.20 -2.35 -16.88
N VAL B 197 30.51 -1.06 -16.84
CA VAL B 197 29.65 -0.06 -16.24
C VAL B 197 29.24 0.91 -17.34
N THR B 198 27.93 1.09 -17.48
CA THR B 198 27.32 2.04 -18.39
C THR B 198 26.67 3.12 -17.56
N HIS B 199 26.97 4.38 -17.87
CA HIS B 199 26.47 5.51 -17.11
C HIS B 199 26.50 6.75 -17.98
N GLN B 200 25.55 7.66 -17.73
CA GLN B 200 25.44 8.88 -18.54
C GLN B 200 26.75 9.67 -18.55
N GLY B 201 27.45 9.70 -17.42
CA GLY B 201 28.70 10.45 -17.33
C GLY B 201 29.87 9.82 -18.02
N LEU B 202 29.72 8.61 -18.56
CA LEU B 202 30.77 7.95 -19.33
C LEU B 202 30.41 8.02 -20.81
N SER B 203 31.36 8.46 -21.64
CA SER B 203 31.10 8.51 -23.08
C SER B 203 30.92 7.12 -23.65
N SER B 204 31.70 6.16 -23.17
CA SER B 204 31.61 4.75 -23.52
C SER B 204 31.71 3.93 -22.24
N PRO B 205 31.14 2.72 -22.23
CA PRO B 205 31.17 1.92 -21.00
C PRO B 205 32.60 1.63 -20.54
N VAL B 206 32.80 1.63 -19.24
CA VAL B 206 34.11 1.39 -18.64
C VAL B 206 34.13 -0.02 -18.09
N THR B 207 35.21 -0.76 -18.35
CA THR B 207 35.35 -2.12 -17.85
C THR B 207 36.55 -2.19 -16.91
N LYS B 208 36.34 -2.75 -15.73
CA LYS B 208 37.43 -3.08 -14.82
C LYS B 208 37.47 -4.59 -14.68
N SER B 209 38.67 -5.17 -14.81
CA SER B 209 38.79 -6.62 -14.83
C SER B 209 40.05 -7.04 -14.09
N PHE B 210 40.08 -8.33 -13.76
CA PHE B 210 41.30 -8.99 -13.32
C PHE B 210 41.34 -10.39 -13.91
N ASN B 211 42.53 -10.97 -13.92
CA ASN B 211 42.74 -12.36 -14.28
C ASN B 211 42.94 -13.18 -13.01
N ARG B 212 42.12 -14.23 -12.84
CA ARG B 212 42.28 -15.10 -11.69
C ARG B 212 43.69 -15.70 -11.68
N GLY B 213 44.47 -15.36 -10.64
CA GLY B 213 45.85 -15.82 -10.55
C GLY B 213 46.89 -14.70 -10.41
N THR C 15 -58.78 -7.69 -8.99
CA THR C 15 -59.50 -7.00 -10.06
C THR C 15 -58.89 -5.62 -10.36
N ASN C 16 -57.61 -5.45 -10.01
CA ASN C 16 -56.96 -4.16 -10.15
C ASN C 16 -55.45 -4.35 -10.21
N LEU C 17 -54.78 -3.52 -10.99
CA LEU C 17 -53.35 -3.69 -11.23
C LEU C 17 -52.51 -3.07 -10.11
N CYS C 18 -51.47 -3.78 -9.71
CA CYS C 18 -50.53 -3.23 -8.73
C CYS C 18 -49.71 -2.12 -9.38
N PRO C 19 -49.53 -0.98 -8.72
CA PRO C 19 -48.90 0.19 -9.36
C PRO C 19 -47.38 0.12 -9.37
N PHE C 20 -46.84 -0.94 -9.96
CA PHE C 20 -45.40 -1.12 -10.01
C PHE C 20 -44.71 -0.01 -10.80
N GLY C 21 -45.41 0.58 -11.77
CA GLY C 21 -44.80 1.60 -12.60
C GLY C 21 -44.43 2.85 -11.81
N GLU C 22 -45.26 3.23 -10.84
CA GLU C 22 -44.94 4.44 -10.10
C GLU C 22 -43.73 4.27 -9.20
N VAL C 23 -43.29 3.03 -8.98
CA VAL C 23 -42.04 2.77 -8.28
C VAL C 23 -40.90 2.70 -9.29
N PHE C 24 -41.03 1.82 -10.28
CA PHE C 24 -39.92 1.62 -11.21
C PHE C 24 -39.68 2.84 -12.09
N ASN C 25 -40.76 3.52 -12.49
CA ASN C 25 -40.66 4.64 -13.42
C ASN C 25 -40.70 5.99 -12.72
N ALA C 26 -40.46 6.01 -11.40
CA ALA C 26 -40.52 7.28 -10.68
C ALA C 26 -39.44 8.24 -11.19
N THR C 27 -39.78 9.53 -11.18
CA THR C 27 -38.86 10.52 -11.74
C THR C 27 -37.64 10.72 -10.85
N ARG C 28 -37.82 10.68 -9.54
CA ARG C 28 -36.72 10.81 -8.60
C ARG C 28 -36.70 9.62 -7.66
N PHE C 29 -35.49 9.20 -7.30
CA PHE C 29 -35.31 8.09 -6.37
C PHE C 29 -34.72 8.61 -5.07
N ALA C 30 -34.97 7.86 -4.00
CA ALA C 30 -34.45 8.22 -2.70
C ALA C 30 -32.95 7.97 -2.62
N SER C 31 -32.30 8.68 -1.70
CA SER C 31 -30.99 8.27 -1.23
C SER C 31 -31.09 6.95 -0.47
N VAL C 32 -30.03 6.14 -0.59
CA VAL C 32 -30.06 4.80 0.00
C VAL C 32 -30.21 4.88 1.52
N TYR C 33 -29.59 5.87 2.17
CA TYR C 33 -29.74 5.96 3.62
C TYR C 33 -31.18 6.32 4.00
N ALA C 34 -31.89 6.99 3.11
CA ALA C 34 -33.29 7.33 3.37
C ALA C 34 -34.18 6.57 2.41
N TRP C 35 -33.92 5.28 2.22
CA TRP C 35 -34.55 4.51 1.16
C TRP C 35 -36.08 4.57 1.28
N ASN C 36 -36.75 4.50 0.13
CA ASN C 36 -38.20 4.63 0.08
C ASN C 36 -38.86 3.26 0.12
N ARG C 37 -40.03 3.19 0.73
CA ARG C 37 -40.81 1.95 0.81
C ARG C 37 -42.25 2.21 0.37
N LYS C 38 -42.68 1.53 -0.68
CA LYS C 38 -44.07 1.52 -1.10
C LYS C 38 -44.70 0.21 -0.64
N ARG C 39 -45.77 0.32 0.14
CA ARG C 39 -46.55 -0.83 0.55
C ARG C 39 -47.61 -1.10 -0.50
N ILE C 40 -47.71 -2.36 -0.91
CA ILE C 40 -48.55 -2.77 -2.04
C ILE C 40 -49.53 -3.80 -1.55
N SER C 41 -50.82 -3.49 -1.69
CA SER C 41 -51.92 -4.31 -1.18
C SER C 41 -53.12 -4.20 -2.11
N ASN C 42 -53.97 -5.23 -2.09
CA ASN C 42 -55.27 -5.22 -2.76
C ASN C 42 -55.14 -4.93 -4.25
N CYS C 43 -54.40 -5.79 -4.94
CA CYS C 43 -54.19 -5.61 -6.37
C CYS C 43 -53.68 -6.91 -6.97
N VAL C 44 -53.61 -6.93 -8.30
CA VAL C 44 -53.06 -8.04 -9.06
C VAL C 44 -51.74 -7.59 -9.67
N ALA C 45 -50.68 -8.35 -9.41
CA ALA C 45 -49.33 -8.02 -9.85
C ALA C 45 -48.90 -9.01 -10.92
N ASP C 46 -48.42 -8.49 -12.05
CA ASP C 46 -47.82 -9.33 -13.07
C ASP C 46 -46.31 -9.08 -13.05
N TYR C 47 -45.58 -10.05 -12.49
CA TYR C 47 -44.13 -10.02 -12.46
C TYR C 47 -43.50 -10.57 -13.74
N SER C 48 -44.32 -11.12 -14.65
CA SER C 48 -43.80 -11.55 -15.93
C SER C 48 -43.46 -10.36 -16.82
N VAL C 49 -44.29 -9.31 -16.80
CA VAL C 49 -43.92 -8.11 -17.55
C VAL C 49 -42.67 -7.47 -16.95
N LEU C 50 -42.50 -7.56 -15.63
CA LEU C 50 -41.31 -7.02 -14.99
C LEU C 50 -40.05 -7.69 -15.51
N TYR C 51 -40.00 -9.02 -15.49
CA TYR C 51 -38.80 -9.69 -15.98
C TYR C 51 -38.65 -9.55 -17.48
N ASN C 52 -39.76 -9.66 -18.22
CA ASN C 52 -39.71 -9.60 -19.68
C ASN C 52 -39.41 -8.21 -20.21
N SER C 53 -39.42 -7.18 -19.36
CA SER C 53 -38.88 -5.89 -19.77
C SER C 53 -37.42 -6.04 -20.24
N ALA C 54 -36.62 -6.78 -19.48
CA ALA C 54 -35.25 -7.14 -19.87
C ALA C 54 -34.38 -5.92 -20.11
N SER C 55 -34.67 -4.80 -19.43
CA SER C 55 -33.82 -3.62 -19.43
C SER C 55 -33.13 -3.45 -18.09
N PHE C 56 -32.95 -4.56 -17.37
CA PHE C 56 -32.37 -4.56 -16.03
C PHE C 56 -31.01 -5.22 -16.08
N SER C 57 -30.02 -4.57 -15.49
CA SER C 57 -28.71 -5.20 -15.34
C SER C 57 -28.70 -6.24 -14.22
N THR C 58 -29.56 -6.10 -13.21
CA THR C 58 -29.65 -7.10 -12.16
C THR C 58 -31.11 -7.45 -11.93
N PHE C 59 -31.43 -8.75 -11.87
CA PHE C 59 -32.77 -9.23 -11.50
C PHE C 59 -32.61 -10.60 -10.85
N LYS C 60 -32.50 -10.61 -9.52
CA LYS C 60 -32.15 -11.83 -8.79
C LYS C 60 -33.18 -12.10 -7.72
N CYS C 61 -33.72 -13.31 -7.71
CA CYS C 61 -34.77 -13.68 -6.77
C CYS C 61 -34.25 -14.73 -5.79
N TYR C 62 -34.68 -14.60 -4.55
CA TYR C 62 -34.26 -15.46 -3.44
C TYR C 62 -35.51 -16.08 -2.84
N GLY C 63 -35.56 -17.41 -2.87
CA GLY C 63 -36.68 -18.15 -2.31
C GLY C 63 -37.89 -18.26 -3.22
N VAL C 64 -37.82 -17.71 -4.42
CA VAL C 64 -38.94 -17.64 -5.36
C VAL C 64 -38.37 -17.73 -6.77
N SER C 65 -39.28 -17.78 -7.75
CA SER C 65 -38.93 -17.70 -9.15
C SER C 65 -39.97 -16.81 -9.82
N PRO C 66 -39.55 -15.91 -10.71
CA PRO C 66 -40.52 -14.92 -11.26
C PRO C 66 -41.74 -15.56 -11.90
N THR C 67 -41.50 -16.47 -12.85
CA THR C 67 -42.60 -17.21 -13.45
C THR C 67 -43.42 -17.94 -12.39
N LYS C 68 -42.73 -18.58 -11.43
CA LYS C 68 -43.44 -19.32 -10.38
C LYS C 68 -44.19 -18.37 -9.45
N LEU C 69 -43.59 -17.23 -9.08
CA LEU C 69 -44.27 -16.35 -8.14
C LEU C 69 -45.43 -15.59 -8.78
N ASN C 70 -45.47 -15.49 -10.11
CA ASN C 70 -46.66 -14.95 -10.75
C ASN C 70 -47.89 -15.83 -10.49
N ASP C 71 -47.70 -17.09 -10.18
CA ASP C 71 -48.77 -17.96 -9.68
C ASP C 71 -48.75 -18.09 -8.16
N LEU C 72 -48.76 -16.97 -7.42
CA LEU C 72 -48.77 -17.02 -5.95
C LEU C 72 -49.46 -15.80 -5.39
N CYS C 73 -49.76 -15.88 -4.09
CA CYS C 73 -50.39 -14.79 -3.36
C CYS C 73 -49.59 -14.50 -2.10
N PHE C 74 -49.69 -13.25 -1.65
CA PHE C 74 -49.03 -12.80 -0.43
C PHE C 74 -49.92 -11.81 0.28
N THR C 75 -49.69 -11.67 1.59
CA THR C 75 -50.43 -10.67 2.36
C THR C 75 -50.10 -9.27 1.88
N ASN C 76 -48.81 -8.97 1.73
CA ASN C 76 -48.41 -7.63 1.28
C ASN C 76 -47.14 -7.75 0.45
N VAL C 77 -46.90 -6.74 -0.39
CA VAL C 77 -45.65 -6.66 -1.12
C VAL C 77 -45.01 -5.31 -0.84
N TYR C 78 -43.72 -5.30 -0.57
CA TYR C 78 -42.99 -4.06 -0.34
C TYR C 78 -42.05 -3.81 -1.51
N ALA C 79 -42.10 -2.60 -2.05
CA ALA C 79 -41.16 -2.15 -3.07
C ALA C 79 -40.29 -1.06 -2.46
N ASP C 80 -39.05 -1.42 -2.12
CA ASP C 80 -38.10 -0.46 -1.58
C ASP C 80 -37.21 0.04 -2.72
N SER C 81 -37.01 1.35 -2.78
CA SER C 81 -36.27 1.89 -3.91
C SER C 81 -35.28 2.95 -3.43
N PHE C 82 -34.14 2.98 -4.10
CA PHE C 82 -33.04 3.88 -3.75
C PHE C 82 -32.00 3.82 -4.86
N VAL C 83 -30.93 4.60 -4.70
CA VAL C 83 -29.85 4.70 -5.67
C VAL C 83 -28.53 4.43 -4.95
N ILE C 84 -27.71 3.56 -5.52
CA ILE C 84 -26.36 3.33 -5.02
C ILE C 84 -25.38 3.36 -6.19
N ARG C 85 -24.10 3.14 -5.90
CA ARG C 85 -23.06 3.00 -6.93
C ARG C 85 -23.11 1.59 -7.51
N GLY C 86 -22.65 1.45 -8.76
CA GLY C 86 -22.66 0.13 -9.39
C GLY C 86 -21.96 -0.94 -8.58
N ASP C 87 -20.74 -0.64 -8.12
CA ASP C 87 -19.94 -1.60 -7.34
C ASP C 87 -20.60 -1.98 -6.04
N GLU C 88 -21.62 -1.23 -5.59
CA GLU C 88 -22.32 -1.56 -4.35
C GLU C 88 -23.54 -2.43 -4.57
N VAL C 89 -23.96 -2.70 -5.82
CA VAL C 89 -25.20 -3.43 -6.03
C VAL C 89 -25.12 -4.84 -5.46
N ARG C 90 -23.92 -5.44 -5.46
CA ARG C 90 -23.73 -6.77 -4.91
C ARG C 90 -23.99 -6.80 -3.41
N GLN C 91 -23.95 -5.65 -2.73
CA GLN C 91 -24.27 -5.65 -1.31
C GLN C 91 -25.76 -5.77 -1.05
N ILE C 92 -26.60 -5.55 -2.06
CA ILE C 92 -28.05 -5.67 -1.86
C ILE C 92 -28.39 -7.15 -2.11
N ALA C 93 -28.15 -7.94 -1.08
CA ALA C 93 -28.35 -9.38 -1.12
C ALA C 93 -28.20 -9.92 0.30
N PRO C 94 -28.80 -11.06 0.60
CA PRO C 94 -28.67 -11.61 1.95
C PRO C 94 -27.23 -12.03 2.24
N GLY C 95 -26.82 -11.83 3.49
CA GLY C 95 -25.50 -12.24 3.93
C GLY C 95 -24.36 -11.36 3.52
N GLN C 96 -24.62 -10.19 2.96
CA GLN C 96 -23.54 -9.31 2.54
C GLN C 96 -23.17 -8.34 3.67
N THR C 97 -21.91 -7.91 3.64
CA THR C 97 -21.42 -6.86 4.51
C THR C 97 -20.77 -5.78 3.65
N GLY C 98 -20.52 -4.63 4.25
CA GLY C 98 -20.01 -3.46 3.56
C GLY C 98 -20.81 -2.23 3.92
N ASN C 99 -20.35 -1.08 3.40
CA ASN C 99 -20.91 0.19 3.85
C ASN C 99 -22.42 0.25 3.67
N ILE C 100 -22.92 -0.21 2.52
CA ILE C 100 -24.34 -0.09 2.21
C ILE C 100 -25.16 -1.07 3.03
N ALA C 101 -24.78 -2.36 3.00
CA ALA C 101 -25.49 -3.38 3.77
C ALA C 101 -25.40 -3.12 5.27
N ASP C 102 -24.25 -2.65 5.74
CA ASP C 102 -24.06 -2.45 7.18
C ASP C 102 -24.82 -1.23 7.67
N TYR C 103 -24.74 -0.12 6.94
CA TYR C 103 -25.13 1.16 7.52
C TYR C 103 -26.23 1.87 6.74
N ASN C 104 -26.67 1.32 5.60
CA ASN C 104 -27.68 2.01 4.79
C ASN C 104 -28.93 1.18 4.52
N TYR C 105 -28.79 -0.05 4.01
CA TYR C 105 -29.97 -0.86 3.66
C TYR C 105 -29.61 -2.32 3.78
N LYS C 106 -30.22 -3.02 4.75
CA LYS C 106 -29.86 -4.39 5.09
C LYS C 106 -31.00 -5.34 4.76
N LEU C 107 -30.71 -6.39 3.91
CA LEU C 107 -31.64 -7.49 3.69
C LEU C 107 -31.46 -8.59 4.73
N PRO C 108 -32.53 -9.27 5.13
CA PRO C 108 -32.39 -10.34 6.12
C PRO C 108 -31.68 -11.55 5.54
N ASP C 109 -31.13 -12.37 6.44
CA ASP C 109 -30.47 -13.61 6.03
C ASP C 109 -31.44 -14.53 5.30
N ASP C 110 -32.70 -14.57 5.76
CA ASP C 110 -33.73 -15.42 5.18
C ASP C 110 -34.56 -14.70 4.11
N PHE C 111 -33.95 -13.79 3.35
CA PHE C 111 -34.71 -12.92 2.46
C PHE C 111 -35.48 -13.73 1.42
N THR C 112 -36.77 -13.39 1.26
CA THR C 112 -37.63 -13.94 0.22
C THR C 112 -38.11 -12.78 -0.64
N GLY C 113 -37.64 -12.72 -1.88
CA GLY C 113 -38.03 -11.62 -2.74
C GLY C 113 -37.01 -11.44 -3.85
N CYS C 114 -37.10 -10.31 -4.53
CA CYS C 114 -36.25 -10.06 -5.69
C CYS C 114 -35.55 -8.70 -5.59
N VAL C 115 -34.34 -8.65 -6.14
CA VAL C 115 -33.54 -7.44 -6.20
C VAL C 115 -33.35 -7.08 -7.67
N ILE C 116 -33.80 -5.89 -8.05
CA ILE C 116 -33.76 -5.42 -9.43
C ILE C 116 -32.95 -4.12 -9.46
N ALA C 117 -32.00 -4.04 -10.38
CA ALA C 117 -31.18 -2.84 -10.53
C ALA C 117 -30.95 -2.54 -11.99
N TRP C 118 -30.79 -1.25 -12.28
CA TRP C 118 -30.37 -0.83 -13.62
C TRP C 118 -29.53 0.44 -13.55
N ASN C 119 -28.67 0.61 -14.55
CA ASN C 119 -27.84 1.80 -14.64
C ASN C 119 -28.71 3.03 -14.90
N SER C 120 -28.51 4.08 -14.10
CA SER C 120 -29.27 5.31 -14.23
C SER C 120 -28.36 6.52 -14.47
N ASN C 121 -27.20 6.30 -15.10
CA ASN C 121 -26.25 7.36 -15.38
C ASN C 121 -26.89 8.50 -16.17
N ASN C 122 -27.70 8.16 -17.17
CA ASN C 122 -28.32 9.19 -17.99
C ASN C 122 -29.31 10.04 -17.20
N LEU C 123 -29.74 9.56 -16.03
CA LEU C 123 -30.73 10.24 -15.19
C LEU C 123 -30.12 10.91 -13.96
N ASP C 124 -29.18 10.25 -13.28
CA ASP C 124 -28.83 10.62 -11.91
C ASP C 124 -27.43 11.22 -11.77
N SER C 125 -26.67 11.32 -12.85
CA SER C 125 -25.36 11.94 -12.80
C SER C 125 -25.40 13.22 -13.62
N LYS C 126 -24.55 14.18 -13.26
CA LYS C 126 -24.53 15.45 -13.97
C LYS C 126 -23.13 16.00 -13.98
N VAL C 127 -22.83 16.80 -15.00
CA VAL C 127 -21.53 17.42 -15.13
C VAL C 127 -21.31 18.35 -13.95
N GLY C 128 -20.13 18.24 -13.32
CA GLY C 128 -19.88 18.93 -12.08
C GLY C 128 -20.35 18.20 -10.85
N GLY C 129 -21.07 17.09 -11.00
CA GLY C 129 -21.47 16.28 -9.87
C GLY C 129 -22.90 16.43 -9.42
N ASN C 130 -23.62 15.33 -9.26
CA ASN C 130 -24.93 15.37 -8.62
C ASN C 130 -24.71 15.11 -7.13
N TYR C 131 -24.99 16.11 -6.32
CA TYR C 131 -24.77 16.00 -4.88
C TYR C 131 -26.03 15.67 -4.12
N ASN C 132 -27.12 15.38 -4.83
CA ASN C 132 -28.38 15.06 -4.16
C ASN C 132 -28.35 13.68 -3.51
N TYR C 133 -27.58 12.73 -4.06
CA TYR C 133 -27.61 11.35 -3.57
C TYR C 133 -26.51 11.10 -2.54
N LEU C 134 -26.89 10.57 -1.39
CA LEU C 134 -25.98 10.39 -0.26
C LEU C 134 -26.09 8.97 0.29
N TYR C 135 -25.05 8.59 1.03
CA TYR C 135 -25.04 7.33 1.77
C TYR C 135 -24.38 7.57 3.12
N ARG C 136 -24.73 6.72 4.09
CA ARG C 136 -24.17 6.85 5.44
C ARG C 136 -22.81 6.16 5.48
N LEU C 137 -21.76 6.92 5.81
CA LEU C 137 -20.41 6.40 5.87
C LEU C 137 -20.03 5.93 7.26
N PHE C 138 -20.45 6.67 8.30
CA PHE C 138 -20.08 6.39 9.69
C PHE C 138 -21.33 5.99 10.46
N ARG C 139 -21.27 4.82 11.09
CA ARG C 139 -22.30 4.37 12.01
C ARG C 139 -21.64 3.42 13.00
N LYS C 140 -22.03 3.53 14.27
CA LYS C 140 -21.36 2.74 15.29
C LYS C 140 -21.76 1.26 15.23
N SER C 141 -22.94 0.93 14.72
CA SER C 141 -23.37 -0.46 14.68
C SER C 141 -24.18 -0.69 13.40
N ASN C 142 -24.30 -1.97 13.05
CA ASN C 142 -24.95 -2.35 11.80
C ASN C 142 -26.46 -2.19 11.92
N LEU C 143 -27.10 -1.87 10.79
CA LEU C 143 -28.55 -1.88 10.75
C LEU C 143 -29.09 -3.29 10.89
N LYS C 144 -30.25 -3.38 11.53
CA LYS C 144 -31.06 -4.57 11.43
C LYS C 144 -31.70 -4.62 10.04
N PRO C 145 -32.20 -5.78 9.61
CA PRO C 145 -32.86 -5.85 8.30
C PRO C 145 -34.04 -4.88 8.23
N PHE C 146 -34.14 -4.19 7.09
CA PHE C 146 -35.23 -3.26 6.82
C PHE C 146 -35.29 -2.14 7.86
N GLU C 147 -34.15 -1.85 8.48
CA GLU C 147 -34.03 -0.69 9.33
C GLU C 147 -33.63 0.52 8.50
N ARG C 148 -34.10 1.68 8.90
CA ARG C 148 -33.89 2.93 8.17
C ARG C 148 -33.48 4.00 9.16
N ASP C 149 -32.29 4.55 8.99
CA ASP C 149 -31.69 5.54 9.89
C ASP C 149 -31.49 6.81 9.08
N ILE C 150 -32.16 7.89 9.49
CA ILE C 150 -32.08 9.17 8.78
C ILE C 150 -31.47 10.26 9.62
N SER C 151 -30.90 9.93 10.78
CA SER C 151 -30.30 10.95 11.60
C SER C 151 -29.05 11.54 10.91
N THR C 152 -28.73 12.78 11.26
CA THR C 152 -27.60 13.50 10.72
C THR C 152 -26.75 14.07 11.84
N GLU C 153 -26.75 13.38 12.98
CA GLU C 153 -25.94 13.77 14.13
C GLU C 153 -24.46 13.64 13.80
N ILE C 154 -23.66 14.60 14.27
CA ILE C 154 -22.22 14.55 14.04
C ILE C 154 -21.65 13.31 14.73
N TYR C 155 -20.82 12.57 14.00
CA TYR C 155 -20.35 11.27 14.43
C TYR C 155 -19.07 11.43 15.22
N GLN C 156 -19.04 10.86 16.44
CA GLN C 156 -17.95 11.00 17.39
C GLN C 156 -17.01 9.81 17.28
N ALA C 157 -15.78 10.04 16.81
CA ALA C 157 -14.83 8.98 16.56
C ALA C 157 -13.72 8.90 17.62
N GLY C 158 -13.83 9.70 18.67
CA GLY C 158 -12.86 9.68 19.75
C GLY C 158 -13.52 9.96 21.08
N SER C 159 -12.71 10.08 22.14
CA SER C 159 -13.27 10.25 23.48
C SER C 159 -13.88 11.63 23.71
N THR C 160 -13.56 12.64 22.87
CA THR C 160 -14.11 13.98 23.09
C THR C 160 -15.47 14.11 22.39
N PRO C 161 -16.52 14.49 23.11
CA PRO C 161 -17.83 14.69 22.46
C PRO C 161 -17.82 15.85 21.48
N CYS C 162 -18.62 15.72 20.42
CA CYS C 162 -18.67 16.63 19.29
C CYS C 162 -19.66 17.77 19.47
N ASN C 163 -20.86 17.46 19.98
CA ASN C 163 -21.88 18.48 20.25
C ASN C 163 -22.21 19.31 19.00
N GLY C 164 -22.40 18.61 17.88
CA GLY C 164 -22.98 19.21 16.69
C GLY C 164 -22.04 20.02 15.82
N VAL C 165 -20.75 20.08 16.13
CA VAL C 165 -19.81 20.85 15.32
C VAL C 165 -18.75 19.90 14.78
N LYS C 166 -18.47 20.02 13.48
CA LYS C 166 -17.46 19.19 12.84
C LYS C 166 -16.06 19.57 13.34
N GLY C 167 -15.16 18.59 13.26
CA GLY C 167 -13.78 18.83 13.64
C GLY C 167 -13.04 17.50 13.67
N PHE C 168 -11.86 17.53 14.28
CA PHE C 168 -11.10 16.30 14.43
C PHE C 168 -11.92 15.29 15.23
N ASN C 169 -11.99 14.06 14.72
CA ASN C 169 -12.77 12.99 15.33
C ASN C 169 -14.28 13.29 15.38
N CYS C 170 -14.76 14.26 14.59
CA CYS C 170 -16.16 14.69 14.61
C CYS C 170 -16.63 14.92 13.18
N TYR C 171 -17.35 13.96 12.61
CA TYR C 171 -17.61 13.98 11.18
C TYR C 171 -19.11 13.92 10.89
N PHE C 172 -19.52 14.67 9.88
CA PHE C 172 -20.85 14.51 9.35
C PHE C 172 -21.00 13.07 8.87
N PRO C 173 -22.07 12.36 9.24
CA PRO C 173 -22.12 10.91 8.98
C PRO C 173 -22.41 10.52 7.54
N LEU C 174 -22.93 11.43 6.72
CA LEU C 174 -23.28 11.12 5.33
C LEU C 174 -22.23 11.67 4.37
N GLN C 175 -22.06 10.96 3.25
CA GLN C 175 -21.17 11.35 2.16
C GLN C 175 -21.98 11.37 0.88
N SER C 176 -21.68 12.33 0.01
CA SER C 176 -22.36 12.42 -1.28
C SER C 176 -21.68 11.53 -2.31
N TYR C 177 -22.48 10.92 -3.18
CA TYR C 177 -21.92 10.17 -4.31
C TYR C 177 -21.33 11.08 -5.37
N GLY C 178 -21.83 12.31 -5.51
CA GLY C 178 -21.31 13.25 -6.48
C GLY C 178 -21.30 12.74 -7.92
N PHE C 179 -22.28 11.91 -8.28
CA PHE C 179 -22.29 11.22 -9.57
C PHE C 179 -21.98 12.15 -10.74
N GLN C 180 -21.02 11.74 -11.56
CA GLN C 180 -20.68 12.40 -12.81
C GLN C 180 -20.73 11.39 -13.95
N PRO C 181 -21.22 11.78 -15.13
CA PRO C 181 -21.47 10.79 -16.19
C PRO C 181 -20.23 10.13 -16.73
N THR C 182 -19.05 10.72 -16.56
CA THR C 182 -17.80 10.16 -17.06
C THR C 182 -17.09 9.28 -16.03
N TYR C 183 -17.71 9.05 -14.88
CA TYR C 183 -17.16 8.10 -13.92
C TYR C 183 -17.09 6.72 -14.54
N GLY C 184 -16.21 5.88 -14.00
CA GLY C 184 -16.25 4.47 -14.34
C GLY C 184 -17.59 3.86 -13.95
N VAL C 185 -17.96 2.79 -14.68
CA VAL C 185 -19.30 2.22 -14.52
C VAL C 185 -19.55 1.81 -13.06
N GLY C 186 -18.52 1.30 -12.39
CA GLY C 186 -18.66 0.92 -11.00
C GLY C 186 -18.99 2.05 -10.06
N TYR C 187 -18.75 3.30 -10.48
CA TYR C 187 -19.04 4.48 -9.69
C TYR C 187 -20.27 5.23 -10.20
N GLN C 188 -20.89 4.75 -11.25
CA GLN C 188 -22.07 5.38 -11.81
C GLN C 188 -23.30 5.01 -10.97
N PRO C 189 -24.34 5.84 -10.99
CA PRO C 189 -25.53 5.53 -10.19
C PRO C 189 -26.30 4.36 -10.78
N TYR C 190 -26.84 3.52 -9.89
CA TYR C 190 -27.78 2.47 -10.23
C TYR C 190 -29.04 2.67 -9.40
N ARG C 191 -30.18 2.57 -10.08
CA ARG C 191 -31.48 2.55 -9.39
C ARG C 191 -31.82 1.13 -9.02
N VAL C 192 -32.31 0.95 -7.79
CA VAL C 192 -32.55 -0.34 -7.18
C VAL C 192 -33.99 -0.38 -6.65
N VAL C 193 -34.69 -1.47 -6.95
CA VAL C 193 -35.98 -1.80 -6.36
C VAL C 193 -35.89 -3.20 -5.76
N VAL C 194 -36.27 -3.31 -4.49
CA VAL C 194 -36.28 -4.57 -3.75
C VAL C 194 -37.74 -4.92 -3.50
N LEU C 195 -38.15 -6.07 -4.03
CA LEU C 195 -39.49 -6.60 -3.82
C LEU C 195 -39.42 -7.63 -2.70
N SER C 196 -40.13 -7.34 -1.61
CA SER C 196 -40.28 -8.24 -0.47
C SER C 196 -41.71 -8.77 -0.43
N PHE C 197 -41.87 -10.07 -0.24
CA PHE C 197 -43.18 -10.71 -0.25
C PHE C 197 -43.52 -11.12 1.17
N GLU C 198 -44.40 -10.34 1.81
CA GLU C 198 -44.82 -10.57 3.18
C GLU C 198 -45.97 -11.58 3.22
N LEU C 199 -45.70 -12.72 3.86
CA LEU C 199 -46.64 -13.83 4.09
C LEU C 199 -47.07 -13.81 5.56
N LEU C 200 -48.17 -13.12 5.84
CA LEU C 200 -48.71 -13.07 7.18
C LEU C 200 -49.84 -14.08 7.33
N HIS C 201 -50.20 -14.35 8.59
CA HIS C 201 -51.40 -15.13 8.89
C HIS C 201 -52.57 -14.15 8.89
N ALA C 202 -53.02 -13.83 7.68
CA ALA C 202 -53.99 -12.79 7.39
C ALA C 202 -54.48 -12.99 5.96
N PRO C 203 -55.54 -12.31 5.51
CA PRO C 203 -55.99 -12.49 4.12
C PRO C 203 -54.98 -11.95 3.13
N ALA C 204 -54.66 -12.77 2.13
CA ALA C 204 -53.75 -12.35 1.07
C ALA C 204 -54.44 -11.37 0.14
N THR C 205 -53.76 -10.26 -0.17
CA THR C 205 -54.33 -9.21 -0.99
C THR C 205 -53.61 -8.96 -2.30
N VAL C 206 -52.44 -9.57 -2.52
CA VAL C 206 -51.66 -9.37 -3.73
C VAL C 206 -51.47 -10.73 -4.39
N CYS C 207 -51.96 -10.86 -5.62
CA CYS C 207 -51.94 -12.13 -6.33
C CYS C 207 -51.54 -11.89 -7.78
N GLY C 208 -51.04 -12.95 -8.41
CA GLY C 208 -50.68 -12.88 -9.82
C GLY C 208 -51.88 -13.03 -10.73
#